data_3AVR
#
_entry.id   3AVR
#
_cell.length_a   78.905
_cell.length_b   83.081
_cell.length_c   95.057
_cell.angle_alpha   90.00
_cell.angle_beta   90.00
_cell.angle_gamma   90.00
#
_symmetry.space_group_name_H-M   'P 21 21 21'
#
loop_
_entity.id
_entity.type
_entity.pdbx_description
1 polymer 'Lysine-specific demethylase 6A'
2 polymer 'Histone H3'
3 non-polymer N-OXALYLGLYCINE
4 non-polymer 'ZINC ION'
5 non-polymer 'NICKEL (II) ION'
6 non-polymer 1,2-ETHANEDIOL
7 non-polymer 'CHLORIDE ION'
8 water water
#
loop_
_entity_poly.entity_id
_entity_poly.type
_entity_poly.pdbx_seq_one_letter_code
_entity_poly.pdbx_strand_id
1 'polypeptide(L)'
;GPGYQDPNSQIIPSMSVSIYPSSAEVLKACRNLGKNGLSNSSILLDKCPPPRPPSSPYPPLPKDKLNPPTPSIYLENKRD
AFFPPLHQFCTNPNNPVTVIRGLAGALKLDLGLFSTKTLVEANNEHMVEVRTQLLQPADENWDPTGTKKIWHCESNRSHT
TIAKYAQYQASSFQESLREENEKRSHHKDHSDSESTSSDNSGRRRKGPFKTIKFGTNIDLSDDKKWKLQLHELTKLPAFV
RVVSAGNLLSHVGHTILGMNTVQLYMKVPGSRTPGHQENNNFCSVNINIGPGDCEWFVVPEGYWGVLNDFCEKNNLNFLM
GSWWPNLEDLYEANVPVYRFIQRPGDLVWINAGTVHWVQAIGWCNNIAWNVGPLTACQYKLAVERYEWNKLQSVKSIVPM
VHLSWNMARNIKVSDPKLFEMIKYCLLRTLKQCQTLREALIAAGKEIIWHGRTKEEPAHYCSICEVEVFDLLFVTNESNS
RKTYIVHCQDCARKTSGNLENFVVLEQYKMEDLMQVYDQFTLAPPLPSASS
;
A
2 'polypeptide(L)' RKQLATKAAR(M3L)SAPATGGVKKP B
#
loop_
_chem_comp.id
_chem_comp.type
_chem_comp.name
_chem_comp.formula
CL non-polymer 'CHLORIDE ION' 'Cl -1'
EDO non-polymer 1,2-ETHANEDIOL 'C2 H6 O2'
NI non-polymer 'NICKEL (II) ION' 'Ni 2'
OGA non-polymer N-OXALYLGLYCINE 'C4 H5 N O5'
ZN non-polymer 'ZINC ION' 'Zn 2'
#
# COMPACT_ATOMS: atom_id res chain seq x y z
N SER A 16 -33.07 -4.26 14.27
CA SER A 16 -31.77 -4.43 13.64
C SER A 16 -31.73 -5.75 12.86
N VAL A 17 -31.54 -5.66 11.56
CA VAL A 17 -31.67 -6.84 10.69
C VAL A 17 -30.34 -7.47 10.31
N SER A 18 -30.23 -8.78 10.53
CA SER A 18 -29.07 -9.55 10.12
C SER A 18 -29.30 -10.12 8.72
N ILE A 19 -28.35 -9.95 7.81
CA ILE A 19 -28.49 -10.50 6.46
C ILE A 19 -27.49 -11.65 6.25
N TYR A 20 -26.70 -11.95 7.27
CA TYR A 20 -25.69 -12.98 7.15
C TYR A 20 -26.03 -14.18 8.02
N PRO A 21 -25.70 -15.39 7.53
CA PRO A 21 -25.98 -16.59 8.35
C PRO A 21 -25.03 -16.67 9.54
N SER A 22 -25.39 -17.43 10.56
CA SER A 22 -24.51 -17.66 11.70
C SER A 22 -23.35 -18.58 11.31
N SER A 23 -22.31 -18.59 12.13
CA SER A 23 -21.16 -19.44 11.87
C SER A 23 -21.59 -20.92 11.86
N ALA A 24 -22.53 -21.26 12.74
CA ALA A 24 -23.02 -22.63 12.81
C ALA A 24 -23.72 -23.02 11.51
N GLU A 25 -24.51 -22.11 10.95
CA GLU A 25 -25.18 -22.35 9.68
C GLU A 25 -24.19 -22.48 8.53
N VAL A 26 -23.14 -21.66 8.55
CA VAL A 26 -22.11 -21.74 7.52
C VAL A 26 -21.45 -23.12 7.57
N LEU A 27 -21.11 -23.54 8.77
CA LEU A 27 -20.41 -24.81 8.94
C LEU A 27 -21.29 -25.97 8.48
N LYS A 28 -22.56 -25.98 8.86
CA LYS A 28 -23.43 -27.09 8.47
C LYS A 28 -23.65 -27.09 6.96
N ALA A 29 -23.60 -25.90 6.34
CA ALA A 29 -23.69 -25.83 4.89
C ALA A 29 -22.50 -26.52 4.23
N CYS A 30 -21.31 -26.34 4.80
CA CYS A 30 -20.10 -26.92 4.21
C CYS A 30 -20.04 -28.44 4.39
N ARG A 31 -20.81 -28.96 5.34
CA ARG A 31 -20.70 -30.38 5.68
C ARG A 31 -21.29 -31.30 4.61
N ASN A 32 -22.10 -30.73 3.70
CA ASN A 32 -22.42 -31.42 2.44
C ASN A 32 -21.62 -30.82 1.30
N ASN A 40 -29.52 -29.92 -1.85
CA ASN A 40 -30.16 -28.95 -0.98
C ASN A 40 -29.68 -27.51 -1.26
N SER A 41 -30.21 -26.54 -0.52
CA SER A 41 -30.08 -25.13 -0.89
C SER A 41 -28.69 -24.53 -0.60
N SER A 42 -28.33 -23.49 -1.35
CA SER A 42 -27.05 -22.79 -1.20
C SER A 42 -27.19 -21.68 -0.17
N ILE A 43 -26.10 -21.26 0.46
CA ILE A 43 -26.21 -20.10 1.34
C ILE A 43 -25.77 -18.83 0.63
N LEU A 44 -24.80 -18.94 -0.28
CA LEU A 44 -24.48 -17.81 -1.15
C LEU A 44 -23.82 -18.20 -2.49
N LEU A 45 -23.87 -17.27 -3.45
CA LEU A 45 -23.43 -17.55 -4.82
C LEU A 45 -21.97 -18.02 -4.92
N ASP A 46 -21.03 -17.25 -4.36
CA ASP A 46 -19.62 -17.68 -4.25
C ASP A 46 -18.85 -17.37 -5.53
N LYS A 47 -19.57 -17.30 -6.65
CA LYS A 47 -19.01 -16.97 -7.95
C LYS A 47 -19.27 -15.48 -8.09
N CYS A 48 -18.31 -14.75 -8.62
CA CYS A 48 -18.31 -13.30 -8.47
C CYS A 48 -17.72 -12.63 -9.69
N PRO A 49 -18.34 -11.53 -10.16
CA PRO A 49 -17.74 -10.86 -11.32
C PRO A 49 -16.24 -10.64 -11.07
N PRO A 50 -15.38 -11.04 -12.03
CA PRO A 50 -13.93 -10.80 -11.91
C PRO A 50 -13.59 -9.32 -11.89
N PRO A 51 -12.70 -8.90 -11.00
CA PRO A 51 -12.21 -7.52 -10.99
C PRO A 51 -11.70 -7.14 -12.40
N ARG A 52 -11.85 -5.87 -12.77
CA ARG A 52 -11.50 -5.41 -14.11
C ARG A 52 -11.21 -3.89 -14.04
N PRO A 53 -10.45 -3.34 -15.03
CA PRO A 53 -10.16 -1.90 -14.97
C PRO A 53 -11.30 -1.07 -15.54
N PRO A 54 -11.69 0.01 -14.85
CA PRO A 54 -12.87 0.76 -15.29
C PRO A 54 -12.66 1.43 -16.65
N SER A 55 -13.72 1.58 -17.41
CA SER A 55 -13.63 2.31 -18.66
C SER A 55 -13.53 3.78 -18.32
N SER A 56 -13.22 4.62 -19.30
CA SER A 56 -13.12 6.05 -19.05
C SER A 56 -14.38 6.54 -18.34
N PRO A 57 -14.21 7.35 -17.28
CA PRO A 57 -15.36 7.81 -16.52
C PRO A 57 -16.38 8.55 -17.36
N TYR A 58 -17.63 8.40 -16.97
CA TYR A 58 -18.72 9.17 -17.54
C TYR A 58 -19.33 10.00 -16.43
N PRO A 59 -19.71 11.25 -16.72
CA PRO A 59 -19.62 11.96 -18.01
C PRO A 59 -18.19 12.37 -18.33
N PRO A 60 -17.87 12.51 -19.62
CA PRO A 60 -16.52 12.97 -19.98
C PRO A 60 -16.34 14.43 -19.58
N LEU A 61 -15.11 14.80 -19.27
CA LEU A 61 -14.78 16.18 -18.93
C LEU A 61 -14.35 16.91 -20.18
N PRO A 62 -14.81 18.16 -20.35
CA PRO A 62 -14.32 18.98 -21.46
C PRO A 62 -12.90 19.47 -21.20
N LYS A 63 -12.26 20.01 -22.23
CA LYS A 63 -10.86 20.41 -22.11
C LYS A 63 -10.62 21.45 -21.01
N ASP A 64 -11.63 22.27 -20.75
CA ASP A 64 -11.46 23.37 -19.79
C ASP A 64 -11.47 22.87 -18.34
N LYS A 65 -11.75 21.58 -18.17
CA LYS A 65 -11.75 21.00 -16.82
C LYS A 65 -10.63 19.97 -16.60
N LEU A 66 -9.60 19.97 -17.45
CA LEU A 66 -8.56 18.94 -17.35
C LEU A 66 -7.36 19.39 -16.53
N ASN A 67 -7.40 20.61 -16.01
CA ASN A 67 -6.31 21.13 -15.21
C ASN A 67 -6.83 21.76 -13.91
N PRO A 68 -7.54 20.96 -13.10
CA PRO A 68 -8.24 21.49 -11.92
C PRO A 68 -7.28 21.93 -10.81
N PRO A 69 -7.71 22.90 -10.00
CA PRO A 69 -6.90 23.33 -8.86
C PRO A 69 -6.88 22.27 -7.78
N THR A 70 -5.82 22.24 -6.98
CA THR A 70 -5.66 21.20 -5.97
C THR A 70 -6.39 21.58 -4.68
N PRO A 71 -7.19 20.64 -4.14
CA PRO A 71 -7.88 20.92 -2.88
C PRO A 71 -6.85 21.25 -1.82
N SER A 72 -7.06 22.36 -1.11
CA SER A 72 -6.01 22.89 -0.24
C SER A 72 -6.54 23.25 1.13
N ILE A 73 -5.70 23.05 2.13
CA ILE A 73 -6.01 23.47 3.49
C ILE A 73 -4.91 24.40 3.95
N TYR A 74 -5.29 25.56 4.50
CA TYR A 74 -4.29 26.56 4.88
C TYR A 74 -4.21 26.70 6.41
N LEU A 75 -3.22 26.05 7.02
CA LEU A 75 -3.11 26.02 8.48
C LEU A 75 -2.31 27.22 8.95
N GLU A 76 -2.70 27.77 10.09
CA GLU A 76 -2.00 28.88 10.70
C GLU A 76 -1.63 28.56 12.15
N ASN A 77 -2.58 27.98 12.87
CA ASN A 77 -2.43 27.70 14.30
C ASN A 77 -2.45 26.19 14.56
N LYS A 78 -1.91 25.78 15.69
CA LYS A 78 -1.96 24.39 16.08
C LYS A 78 -3.41 23.87 16.09
N ARG A 79 -4.33 24.68 16.60
CA ARG A 79 -5.72 24.27 16.68
C ARG A 79 -6.29 23.96 15.30
N ASP A 80 -5.81 24.66 14.28
CA ASP A 80 -6.30 24.44 12.92
C ASP A 80 -6.10 22.99 12.48
N ALA A 81 -4.96 22.41 12.86
CA ALA A 81 -4.61 21.06 12.43
C ALA A 81 -5.53 20.00 13.04
N PHE A 82 -6.09 20.31 14.21
CA PHE A 82 -6.93 19.36 14.93
C PHE A 82 -8.43 19.63 14.74
N PHE A 83 -8.74 20.52 13.80
CA PHE A 83 -10.12 20.81 13.42
C PHE A 83 -10.74 19.55 12.78
N PRO A 84 -11.79 18.99 13.40
CA PRO A 84 -12.35 17.72 12.93
C PRO A 84 -12.72 17.65 11.44
N PRO A 85 -13.38 18.67 10.87
CA PRO A 85 -13.74 18.61 9.44
C PRO A 85 -12.56 18.45 8.49
N LEU A 86 -11.35 18.63 9.00
CA LEU A 86 -10.17 18.50 8.18
C LEU A 86 -10.04 17.05 7.71
N HIS A 87 -10.25 16.14 8.65
CA HIS A 87 -10.24 14.72 8.38
C HIS A 87 -11.24 14.36 7.27
N GLN A 88 -12.44 14.90 7.36
CA GLN A 88 -13.49 14.54 6.40
C GLN A 88 -13.21 15.16 5.02
N PHE A 89 -12.57 16.34 5.01
CA PHE A 89 -12.18 16.98 3.75
C PHE A 89 -11.17 16.10 2.98
N CYS A 90 -10.18 15.57 3.70
CA CYS A 90 -9.15 14.76 3.07
C CYS A 90 -9.67 13.42 2.55
N THR A 91 -10.58 12.80 3.29
CA THR A 91 -11.10 11.49 2.91
C THR A 91 -12.26 11.55 1.91
N ASN A 92 -12.83 12.73 1.71
CA ASN A 92 -13.90 12.93 0.73
C ASN A 92 -13.47 12.35 -0.64
N PRO A 93 -14.24 11.39 -1.18
CA PRO A 93 -13.81 10.77 -2.45
C PRO A 93 -13.70 11.74 -3.61
N ASN A 94 -14.41 12.87 -3.58
CA ASN A 94 -14.30 13.85 -4.65
C ASN A 94 -12.98 14.61 -4.65
N ASN A 95 -12.21 14.47 -3.58
CA ASN A 95 -10.90 15.12 -3.47
C ASN A 95 -9.78 14.08 -3.63
N PRO A 96 -9.18 14.00 -4.82
CA PRO A 96 -8.20 12.93 -5.06
C PRO A 96 -6.93 13.13 -4.25
N VAL A 97 -6.60 14.38 -3.96
CA VAL A 97 -5.41 14.74 -3.20
C VAL A 97 -5.79 15.99 -2.40
N THR A 98 -5.16 16.17 -1.24
CA THR A 98 -5.31 17.41 -0.49
C THR A 98 -3.91 17.85 -0.08
N VAL A 99 -3.57 19.13 -0.30
CA VAL A 99 -2.29 19.61 0.20
C VAL A 99 -2.59 20.46 1.43
N ILE A 100 -1.97 20.12 2.54
CA ILE A 100 -2.15 20.81 3.82
C ILE A 100 -0.96 21.75 4.02
N ARG A 101 -1.18 23.04 3.74
CA ARG A 101 -0.12 24.03 3.79
C ARG A 101 0.20 24.43 5.21
N GLY A 102 1.49 24.63 5.49
CA GLY A 102 1.92 25.14 6.78
C GLY A 102 1.74 24.17 7.93
N LEU A 103 1.68 22.88 7.63
CA LEU A 103 1.45 21.87 8.67
C LEU A 103 2.58 21.82 9.71
N ALA A 104 3.83 21.74 9.24
CA ALA A 104 4.94 21.66 10.17
C ALA A 104 4.98 22.89 11.07
N GLY A 105 4.80 24.06 10.47
CA GLY A 105 4.86 25.31 11.20
C GLY A 105 3.72 25.44 12.20
N ALA A 106 2.54 24.94 11.83
CA ALA A 106 1.39 25.01 12.72
C ALA A 106 1.63 24.16 13.97
N LEU A 107 2.26 23.02 13.79
CA LEU A 107 2.47 22.09 14.89
C LEU A 107 3.82 22.33 15.57
N LYS A 108 4.61 23.24 15.01
CA LYS A 108 5.98 23.44 15.47
C LYS A 108 6.78 22.13 15.45
N LEU A 109 6.62 21.38 14.37
CA LEU A 109 7.43 20.17 14.15
C LEU A 109 8.88 20.55 13.87
N ASP A 110 9.80 19.83 14.49
CA ASP A 110 11.22 20.05 14.22
C ASP A 110 11.61 19.23 13.01
N LEU A 111 11.47 19.82 11.82
CA LEU A 111 11.85 19.15 10.58
C LEU A 111 13.34 18.89 10.57
N GLY A 112 14.09 19.65 11.36
CA GLY A 112 15.53 19.48 11.46
C GLY A 112 15.90 18.09 11.93
N LEU A 113 14.98 17.40 12.61
CA LEU A 113 15.23 16.03 13.02
C LEU A 113 15.37 15.09 11.82
N PHE A 114 14.89 15.53 10.65
CA PHE A 114 14.97 14.74 9.43
C PHE A 114 15.90 15.38 8.39
N SER A 115 16.71 16.35 8.81
CA SER A 115 17.70 16.91 7.89
C SER A 115 18.74 15.84 7.58
N THR A 116 19.38 15.95 6.43
CA THR A 116 20.42 14.98 6.07
C THR A 116 21.52 14.93 7.13
N LYS A 117 21.91 16.10 7.63
CA LYS A 117 22.95 16.20 8.65
C LYS A 117 22.59 15.41 9.91
N THR A 118 21.35 15.57 10.36
CA THR A 118 20.90 14.92 11.60
C THR A 118 20.79 13.41 11.40
N LEU A 119 20.32 12.98 10.23
CA LEU A 119 20.10 11.56 9.95
C LEU A 119 21.43 10.81 9.88
N VAL A 120 22.42 11.44 9.26
CA VAL A 120 23.74 10.83 9.12
C VAL A 120 24.40 10.68 10.49
N GLU A 121 24.26 11.70 11.32
CA GLU A 121 24.82 11.64 12.66
C GLU A 121 24.17 10.53 13.48
N ALA A 122 22.89 10.26 13.23
CA ALA A 122 22.15 9.26 14.00
C ALA A 122 22.57 7.84 13.65
N ASN A 123 22.64 7.55 12.35
CA ASN A 123 22.90 6.19 11.86
C ASN A 123 23.66 6.26 10.56
N ASN A 124 24.96 6.56 10.68
CA ASN A 124 25.85 6.81 9.55
C ASN A 124 25.84 5.71 8.49
N GLU A 125 25.67 4.47 8.94
CA GLU A 125 25.82 3.31 8.07
C GLU A 125 24.49 2.75 7.57
N HIS A 126 23.41 3.48 7.82
CA HIS A 126 22.07 2.99 7.48
C HIS A 126 21.90 2.69 5.99
N MET A 127 21.26 1.56 5.70
CA MET A 127 20.99 1.13 4.32
C MET A 127 20.12 2.14 3.56
N VAL A 128 20.56 2.50 2.35
CA VAL A 128 19.77 3.35 1.45
C VAL A 128 19.65 2.70 0.08
N GLU A 129 18.43 2.36 -0.32
CA GLU A 129 18.19 1.87 -1.67
C GLU A 129 18.21 3.07 -2.61
N VAL A 130 18.78 2.88 -3.80
CA VAL A 130 19.00 3.99 -4.73
C VAL A 130 18.33 3.70 -6.06
N ARG A 131 17.84 4.74 -6.72
CA ARG A 131 17.46 4.65 -8.13
C ARG A 131 18.34 5.62 -8.89
N THR A 132 18.98 5.12 -9.95
CA THR A 132 19.77 5.98 -10.83
C THR A 132 18.92 6.26 -12.05
N GLN A 133 18.82 7.54 -12.41
CA GLN A 133 17.84 7.98 -13.39
C GLN A 133 18.49 9.02 -14.28
N LEU A 134 17.85 9.35 -15.40
CA LEU A 134 18.28 10.46 -16.23
C LEU A 134 17.57 11.72 -15.80
N LEU A 135 18.28 12.85 -15.81
CA LEU A 135 17.69 14.12 -15.45
C LEU A 135 16.90 14.64 -16.64
N GLN A 136 15.58 14.58 -16.52
CA GLN A 136 14.69 14.94 -17.61
C GLN A 136 14.22 16.39 -17.46
N PRO A 137 13.92 17.03 -18.60
CA PRO A 137 13.45 18.42 -18.56
C PRO A 137 12.01 18.56 -18.10
N ALA A 138 11.76 19.54 -17.23
CA ALA A 138 10.41 19.89 -16.79
C ALA A 138 9.57 18.65 -16.43
N ASP A 139 8.40 18.52 -17.05
CA ASP A 139 7.45 17.46 -16.70
C ASP A 139 7.45 16.35 -17.75
N GLU A 140 8.50 16.32 -18.56
CA GLU A 140 8.58 15.45 -19.72
C GLU A 140 9.48 14.27 -19.46
N ASN A 141 9.40 13.28 -20.34
CA ASN A 141 10.27 12.13 -20.26
C ASN A 141 10.62 11.69 -21.67
N TRP A 142 11.91 11.78 -21.99
CA TRP A 142 12.42 11.50 -23.33
C TRP A 142 13.24 10.22 -23.34
N ASP A 143 13.30 9.57 -24.49
CA ASP A 143 14.16 8.41 -24.63
C ASP A 143 15.59 8.92 -24.47
N PRO A 144 16.53 8.02 -24.17
CA PRO A 144 17.90 8.42 -23.84
C PRO A 144 18.58 9.28 -24.93
N THR A 145 18.22 9.07 -26.19
CA THR A 145 18.80 9.82 -27.29
C THR A 145 18.17 11.21 -27.44
N GLY A 146 17.14 11.49 -26.63
CA GLY A 146 16.49 12.78 -26.65
C GLY A 146 15.72 13.02 -27.93
N THR A 147 15.27 11.92 -28.55
CA THR A 147 14.58 11.99 -29.82
C THR A 147 13.06 12.15 -29.70
N LYS A 148 12.46 11.36 -28.80
CA LYS A 148 11.01 11.33 -28.65
C LYS A 148 10.62 11.15 -27.20
N LYS A 149 9.45 11.68 -26.83
CA LYS A 149 8.93 11.46 -25.48
C LYS A 149 8.41 10.03 -25.41
N ILE A 150 8.68 9.36 -24.30
CA ILE A 150 8.23 8.00 -24.08
C ILE A 150 7.70 7.85 -22.65
N TRP A 151 6.94 6.80 -22.39
CA TRP A 151 6.41 6.56 -21.04
C TRP A 151 7.43 5.83 -20.16
N HIS A 152 8.29 5.01 -20.77
CA HIS A 152 9.23 4.22 -19.98
C HIS A 152 10.18 5.12 -19.20
N CYS A 153 10.25 4.91 -17.90
CA CYS A 153 11.05 5.74 -17.01
C CYS A 153 12.25 4.94 -16.51
N GLU A 154 13.44 5.26 -17.01
N GLU A 154 13.43 5.26 -17.04
CA GLU A 154 14.65 4.52 -16.65
CA GLU A 154 14.66 4.60 -16.63
C GLU A 154 15.05 4.81 -15.21
C GLU A 154 14.90 4.83 -15.15
N SER A 155 15.10 3.76 -14.39
CA SER A 155 15.26 3.90 -12.95
C SER A 155 15.90 2.64 -12.38
N ASN A 156 17.23 2.61 -12.35
CA ASN A 156 17.99 1.39 -12.03
C ASN A 156 18.35 1.29 -10.55
N ARG A 157 18.25 0.08 -10.00
CA ARG A 157 18.41 -0.15 -8.56
C ARG A 157 19.85 -0.39 -8.12
N SER A 158 20.22 0.21 -6.99
CA SER A 158 21.49 -0.11 -6.33
C SER A 158 21.32 0.20 -4.85
N HIS A 159 22.38 0.02 -4.06
CA HIS A 159 22.28 0.28 -2.63
C HIS A 159 23.54 0.98 -2.13
N THR A 160 23.36 1.87 -1.16
CA THR A 160 24.47 2.64 -0.61
C THR A 160 24.20 2.83 0.89
N THR A 161 24.97 3.69 1.53
CA THR A 161 24.73 4.05 2.93
C THR A 161 24.24 5.47 3.00
N ILE A 162 23.62 5.82 4.12
CA ILE A 162 23.08 7.18 4.26
C ILE A 162 24.24 8.19 4.27
N ALA A 163 25.37 7.81 4.85
CA ALA A 163 26.56 8.68 4.84
C ALA A 163 27.01 8.98 3.42
N LYS A 164 27.01 7.96 2.56
CA LYS A 164 27.48 8.16 1.20
C LYS A 164 26.46 8.90 0.35
N TYR A 165 25.18 8.58 0.49
CA TYR A 165 24.19 9.30 -0.28
C TYR A 165 24.21 10.77 0.18
N ALA A 166 24.37 10.99 1.49
CA ALA A 166 24.44 12.36 2.02
C ALA A 166 25.56 13.17 1.36
N GLN A 167 26.73 12.56 1.15
CA GLN A 167 27.85 13.29 0.52
C GLN A 167 27.50 13.66 -0.90
N TYR A 168 26.82 12.75 -1.56
CA TYR A 168 26.39 12.97 -2.93
C TYR A 168 25.37 14.13 -3.00
N GLN A 169 24.38 14.11 -2.12
CA GLN A 169 23.34 15.13 -2.11
C GLN A 169 23.94 16.51 -1.78
N ALA A 170 24.77 16.54 -0.74
CA ALA A 170 25.34 17.78 -0.24
C ALA A 170 26.29 18.39 -1.26
N SER A 171 27.12 17.57 -1.88
CA SER A 171 28.08 18.05 -2.87
C SER A 171 27.35 18.48 -4.16
N SER A 172 26.27 17.76 -4.48
CA SER A 172 25.39 18.13 -5.58
C SER A 172 24.92 19.57 -5.42
N PHE A 173 24.41 19.86 -4.23
CA PHE A 173 23.85 21.16 -3.86
C PHE A 173 24.94 22.24 -3.94
N GLN A 174 26.20 21.83 -4.14
CA GLN A 174 27.31 22.79 -4.27
C GLN A 174 27.73 22.97 -5.73
N GLU A 175 27.91 21.86 -6.42
CA GLU A 175 28.19 21.83 -7.86
C GLU A 175 27.24 22.69 -8.70
N SER A 176 25.94 22.56 -8.47
CA SER A 176 24.93 23.30 -9.23
C SER A 176 25.18 24.81 -9.10
N LEU A 177 25.66 25.19 -7.93
CA LEU A 177 25.71 26.57 -7.45
C LEU A 177 27.15 27.06 -7.44
N PRO A 208 21.59 13.38 -24.31
CA PRO A 208 22.10 14.65 -23.77
C PRO A 208 21.72 14.83 -22.31
N PHE A 209 21.41 13.73 -21.62
CA PHE A 209 20.94 13.84 -20.25
C PHE A 209 21.98 13.43 -19.20
N LYS A 210 21.95 14.16 -18.11
CA LYS A 210 22.79 13.89 -16.96
C LYS A 210 22.17 12.73 -16.18
N THR A 211 22.98 11.99 -15.44
CA THR A 211 22.43 10.96 -14.55
C THR A 211 22.37 11.52 -13.13
N ILE A 212 21.31 11.17 -12.41
CA ILE A 212 21.17 11.58 -11.01
C ILE A 212 20.84 10.35 -10.18
N LYS A 213 21.04 10.45 -8.88
CA LYS A 213 20.74 9.34 -7.98
C LYS A 213 19.76 9.78 -6.89
N PHE A 214 18.88 8.86 -6.51
CA PHE A 214 17.70 9.16 -5.69
C PHE A 214 17.69 8.12 -4.57
N GLY A 215 17.84 8.55 -3.31
CA GLY A 215 17.72 7.66 -2.18
C GLY A 215 16.25 7.45 -1.84
N THR A 216 15.76 6.22 -1.94
CA THR A 216 14.31 5.98 -1.92
C THR A 216 13.90 4.86 -0.95
N ASN A 217 12.70 4.99 -0.37
CA ASN A 217 12.14 3.97 0.53
C ASN A 217 13.13 3.56 1.61
N ILE A 218 13.74 4.56 2.24
CA ILE A 218 14.70 4.33 3.31
C ILE A 218 13.90 4.05 4.59
N ASP A 219 14.15 2.92 5.22
CA ASP A 219 13.27 2.47 6.29
C ASP A 219 13.65 3.03 7.67
N LEU A 220 12.79 3.91 8.17
CA LEU A 220 12.93 4.45 9.52
C LEU A 220 12.05 3.66 10.50
N SER A 221 12.07 2.35 10.38
CA SER A 221 11.18 1.50 11.18
C SER A 221 11.69 1.17 12.59
N ASP A 222 13.00 1.28 12.80
CA ASP A 222 13.60 0.85 14.07
C ASP A 222 13.53 1.95 15.12
N ASP A 223 12.66 1.76 16.12
CA ASP A 223 12.45 2.80 17.13
C ASP A 223 13.69 3.05 18.00
N LYS A 224 14.57 2.06 18.08
CA LYS A 224 15.83 2.27 18.78
C LYS A 224 16.73 3.24 18.02
N LYS A 225 16.74 3.12 16.69
CA LYS A 225 17.65 3.91 15.87
C LYS A 225 17.13 5.30 15.59
N TRP A 226 15.81 5.47 15.63
CA TRP A 226 15.21 6.73 15.20
C TRP A 226 14.24 7.25 16.24
N LYS A 227 14.57 7.07 17.51
CA LYS A 227 13.64 7.37 18.59
C LYS A 227 13.09 8.79 18.51
N LEU A 228 13.96 9.77 18.33
CA LEU A 228 13.52 11.17 18.37
C LEU A 228 12.73 11.51 17.11
N GLN A 229 13.17 10.98 15.97
CA GLN A 229 12.44 11.19 14.72
C GLN A 229 11.00 10.73 14.85
N LEU A 230 10.82 9.51 15.36
CA LEU A 230 9.49 8.91 15.37
C LEU A 230 8.63 9.57 16.45
N HIS A 231 9.25 9.99 17.55
CA HIS A 231 8.48 10.63 18.60
C HIS A 231 7.91 11.96 18.08
N GLU A 232 8.67 12.63 17.24
CA GLU A 232 8.24 13.91 16.71
C GLU A 232 6.92 13.73 15.94
N LEU A 233 6.77 12.58 15.29
CA LEU A 233 5.60 12.36 14.44
C LEU A 233 4.34 12.06 15.27
N THR A 234 4.48 11.87 16.58
CA THR A 234 3.31 11.63 17.40
C THR A 234 2.58 12.94 17.69
N LYS A 235 3.20 14.07 17.31
CA LYS A 235 2.58 15.39 17.42
C LYS A 235 1.48 15.60 16.37
N LEU A 236 1.46 14.76 15.35
CA LEU A 236 0.48 14.89 14.27
C LEU A 236 -0.94 14.56 14.75
N PRO A 237 -1.96 15.17 14.11
CA PRO A 237 -3.35 14.78 14.38
C PRO A 237 -3.58 13.30 14.04
N ALA A 238 -4.49 12.64 14.76
CA ALA A 238 -4.65 11.20 14.69
C ALA A 238 -4.83 10.69 13.26
N PHE A 239 -5.55 11.43 12.42
CA PHE A 239 -5.93 10.91 11.11
C PHE A 239 -4.76 10.80 10.14
N VAL A 240 -3.62 11.41 10.45
CA VAL A 240 -2.44 11.23 9.60
C VAL A 240 -1.31 10.49 10.30
N ARG A 241 -1.49 10.11 11.55
CA ARG A 241 -0.46 9.40 12.30
C ARG A 241 -0.16 8.01 11.73
N VAL A 242 1.09 7.60 11.88
CA VAL A 242 1.55 6.29 11.42
C VAL A 242 0.80 5.20 12.15
N VAL A 243 0.52 5.44 13.43
CA VAL A 243 -0.20 4.47 14.26
C VAL A 243 -1.39 5.15 14.94
N SER A 244 -2.58 4.59 14.80
CA SER A 244 -3.74 5.06 15.56
C SER A 244 -4.86 4.04 15.46
N ALA A 245 -5.78 4.08 16.43
CA ALA A 245 -6.88 3.11 16.48
C ALA A 245 -7.74 3.21 15.23
N GLY A 246 -7.78 4.39 14.62
CA GLY A 246 -8.61 4.58 13.43
C GLY A 246 -7.92 4.33 12.11
N ASN A 247 -6.70 3.81 12.18
CA ASN A 247 -5.93 3.49 10.99
C ASN A 247 -5.99 1.97 10.75
N LEU A 248 -6.62 1.53 9.65
CA LEU A 248 -6.73 0.08 9.41
C LEU A 248 -5.36 -0.59 9.44
N LEU A 249 -4.32 0.11 8.99
CA LEU A 249 -2.99 -0.52 8.92
C LEU A 249 -2.39 -0.76 10.32
N SER A 250 -2.93 -0.10 11.34
CA SER A 250 -2.51 -0.35 12.72
C SER A 250 -3.16 -1.63 13.27
N HIS A 251 -4.08 -2.21 12.51
CA HIS A 251 -4.76 -3.45 12.89
C HIS A 251 -4.23 -4.67 12.14
N VAL A 252 -3.24 -4.46 11.29
CA VAL A 252 -2.60 -5.58 10.59
C VAL A 252 -1.95 -6.53 11.61
N GLY A 253 -1.31 -5.96 12.63
CA GLY A 253 -0.74 -6.77 13.70
C GLY A 253 0.74 -7.09 13.49
N HIS A 254 1.29 -6.66 12.37
CA HIS A 254 2.70 -6.87 12.06
C HIS A 254 3.17 -5.78 11.10
N THR A 255 4.49 -5.67 10.94
CA THR A 255 5.06 -4.59 10.14
C THR A 255 4.93 -4.83 8.66
N ILE A 256 4.49 -3.79 7.95
CA ILE A 256 4.58 -3.75 6.51
C ILE A 256 5.43 -2.50 6.24
N LEU A 257 6.69 -2.70 5.87
CA LEU A 257 7.66 -1.60 5.83
C LEU A 257 7.24 -0.52 4.85
N GLY A 258 7.18 0.73 5.30
CA GLY A 258 6.79 1.82 4.42
C GLY A 258 5.30 2.09 4.44
N MET A 259 4.51 1.14 4.94
CA MET A 259 3.06 1.36 5.00
C MET A 259 2.66 1.72 6.43
N ASN A 260 2.91 0.83 7.38
CA ASN A 260 2.68 1.17 8.78
C ASN A 260 3.98 1.42 9.53
N THR A 261 5.05 1.70 8.78
CA THR A 261 6.28 2.29 9.31
C THR A 261 6.74 3.40 8.35
N VAL A 262 7.54 4.33 8.87
CA VAL A 262 7.91 5.51 8.10
C VAL A 262 9.00 5.20 7.10
N GLN A 263 8.86 5.73 5.89
CA GLN A 263 9.93 5.71 4.91
C GLN A 263 10.43 7.11 4.60
N LEU A 264 11.74 7.20 4.40
CA LEU A 264 12.40 8.45 4.09
C LEU A 264 12.87 8.44 2.64
N TYR A 265 12.86 9.62 2.02
CA TYR A 265 13.37 9.82 0.67
C TYR A 265 14.40 10.93 0.74
N MET A 266 15.55 10.74 0.10
CA MET A 266 16.56 11.77 0.04
C MET A 266 16.78 12.08 -1.42
N LYS A 267 16.57 13.33 -1.80
CA LYS A 267 16.46 13.66 -3.22
C LYS A 267 17.41 14.76 -3.68
N VAL A 268 17.75 14.69 -4.97
CA VAL A 268 18.34 15.81 -5.70
C VAL A 268 17.36 16.20 -6.80
N PRO A 269 17.53 17.39 -7.38
CA PRO A 269 16.58 17.82 -8.41
C PRO A 269 16.45 16.80 -9.54
N GLY A 270 15.22 16.50 -9.94
CA GLY A 270 15.00 15.56 -11.02
C GLY A 270 14.68 14.15 -10.52
N SER A 271 14.82 13.91 -9.21
CA SER A 271 14.58 12.58 -8.65
C SER A 271 13.10 12.25 -8.75
N ARG A 272 12.75 11.16 -9.44
CA ARG A 272 11.34 10.87 -9.72
C ARG A 272 10.83 9.60 -9.07
N THR A 273 9.60 9.68 -8.55
CA THR A 273 8.83 8.48 -8.25
C THR A 273 7.79 8.36 -9.36
N PRO A 274 7.92 7.33 -10.20
CA PRO A 274 7.02 7.23 -11.37
C PRO A 274 5.59 6.84 -11.00
N GLY A 275 4.73 6.76 -12.01
CA GLY A 275 3.29 6.62 -11.81
C GLY A 275 2.92 5.39 -11.01
N HIS A 276 2.01 5.56 -10.06
CA HIS A 276 1.50 4.42 -9.31
C HIS A 276 0.24 4.74 -8.54
N GLN A 277 -0.43 3.67 -8.11
CA GLN A 277 -1.35 3.74 -7.00
C GLN A 277 -0.64 3.10 -5.80
N GLU A 278 -0.97 3.53 -4.59
CA GLU A 278 -0.38 2.90 -3.39
C GLU A 278 -0.73 1.41 -3.32
N ASN A 279 0.05 0.66 -2.56
CA ASN A 279 -0.25 -0.75 -2.31
C ASN A 279 -1.65 -0.90 -1.75
N ASN A 280 -2.44 -1.76 -2.39
CA ASN A 280 -3.82 -2.01 -2.02
C ASN A 280 -4.65 -0.73 -1.87
N ASN A 281 -4.28 0.30 -2.64
CA ASN A 281 -5.04 1.56 -2.70
C ASN A 281 -5.19 2.27 -1.35
N PHE A 282 -4.25 2.07 -0.42
CA PHE A 282 -4.29 2.82 0.84
C PHE A 282 -3.87 4.28 0.67
N CYS A 283 -4.44 5.16 1.48
CA CYS A 283 -4.07 6.58 1.44
C CYS A 283 -2.62 6.71 1.79
N SER A 284 -1.98 7.79 1.34
N SER A 284 -2.00 7.79 1.33
CA SER A 284 -0.58 8.01 1.70
CA SER A 284 -0.60 8.06 1.65
C SER A 284 -0.40 9.44 2.22
C SER A 284 -0.49 9.44 2.31
N VAL A 285 0.49 9.58 3.20
CA VAL A 285 0.77 10.85 3.87
C VAL A 285 2.24 11.14 3.58
N ASN A 286 2.56 12.36 3.15
CA ASN A 286 3.94 12.69 2.77
C ASN A 286 4.26 14.09 3.28
N ILE A 287 5.34 14.24 4.04
CA ILE A 287 5.75 15.56 4.49
C ILE A 287 7.10 15.88 3.88
N ASN A 288 7.19 17.04 3.22
CA ASN A 288 8.45 17.50 2.65
C ASN A 288 9.29 18.16 3.74
N ILE A 289 10.48 17.61 3.98
CA ILE A 289 11.42 18.13 4.99
C ILE A 289 12.14 19.37 4.51
N GLY A 290 12.36 19.45 3.20
CA GLY A 290 13.08 20.57 2.60
C GLY A 290 14.56 20.23 2.46
N PRO A 291 15.37 21.24 2.11
CA PRO A 291 15.02 22.66 1.96
C PRO A 291 14.30 22.99 0.65
N GLY A 292 14.33 22.08 -0.33
CA GLY A 292 13.77 22.35 -1.65
C GLY A 292 12.33 21.88 -1.80
N ASP A 293 11.76 22.04 -2.99
CA ASP A 293 10.35 21.73 -3.23
C ASP A 293 10.20 20.47 -4.05
N CYS A 294 9.01 19.84 -3.97
CA CYS A 294 8.64 18.71 -4.81
C CYS A 294 7.44 19.07 -5.67
N GLU A 295 7.38 18.52 -6.88
CA GLU A 295 6.23 18.74 -7.75
C GLU A 295 5.43 17.45 -7.91
N TRP A 296 4.12 17.57 -7.75
CA TRP A 296 3.24 16.39 -7.73
C TRP A 296 2.27 16.43 -8.90
N PHE A 297 1.98 15.25 -9.44
CA PHE A 297 1.05 15.06 -10.55
C PHE A 297 0.04 14.02 -10.10
N VAL A 298 -1.24 14.33 -10.22
CA VAL A 298 -2.27 13.50 -9.61
C VAL A 298 -3.44 13.30 -10.57
N VAL A 299 -3.92 12.06 -10.66
CA VAL A 299 -5.06 11.73 -11.51
C VAL A 299 -6.07 10.97 -10.65
N PRO A 300 -7.36 11.28 -10.79
CA PRO A 300 -8.33 10.64 -9.88
C PRO A 300 -8.41 9.13 -10.07
N GLU A 301 -8.75 8.44 -8.99
CA GLU A 301 -8.85 6.98 -8.97
C GLU A 301 -9.68 6.45 -10.13
N GLY A 302 -10.72 7.18 -10.50
CA GLY A 302 -11.66 6.70 -11.51
C GLY A 302 -11.05 6.58 -12.88
N TYR A 303 -9.91 7.22 -13.09
CA TYR A 303 -9.22 7.15 -14.38
C TYR A 303 -8.13 6.08 -14.43
N TRP A 304 -8.04 5.22 -13.41
CA TRP A 304 -6.91 4.30 -13.40
C TRP A 304 -6.97 3.29 -14.55
N GLY A 305 -8.17 2.97 -15.00
CA GLY A 305 -8.33 2.08 -16.15
C GLY A 305 -7.77 2.68 -17.42
N VAL A 306 -7.99 3.98 -17.60
CA VAL A 306 -7.46 4.70 -18.74
C VAL A 306 -5.93 4.71 -18.70
N LEU A 307 -5.34 4.97 -17.53
CA LEU A 307 -3.89 4.94 -17.40
C LEU A 307 -3.36 3.52 -17.62
N ASN A 308 -4.09 2.52 -17.14
CA ASN A 308 -3.70 1.14 -17.38
C ASN A 308 -3.59 0.87 -18.88
N ASP A 309 -4.57 1.34 -19.63
CA ASP A 309 -4.56 1.16 -21.08
C ASP A 309 -3.39 1.88 -21.74
N PHE A 310 -3.08 3.09 -21.27
CA PHE A 310 -1.91 3.80 -21.78
C PHE A 310 -0.65 2.96 -21.55
N CYS A 311 -0.52 2.40 -20.35
CA CYS A 311 0.66 1.59 -20.06
C CYS A 311 0.76 0.45 -21.04
N GLU A 312 -0.31 -0.34 -21.16
CA GLU A 312 -0.32 -1.49 -22.06
C GLU A 312 0.03 -1.11 -23.48
N LYS A 313 -0.53 0.01 -23.93
CA LYS A 313 -0.30 0.47 -25.30
C LYS A 313 1.16 0.87 -25.48
N ASN A 314 1.83 1.24 -24.38
CA ASN A 314 3.25 1.57 -24.45
C ASN A 314 4.13 0.42 -23.96
N ASN A 315 3.58 -0.80 -23.97
N ASN A 315 3.55 -0.78 -23.94
CA ASN A 315 4.31 -2.01 -23.58
CA ASN A 315 4.27 -1.98 -23.57
C ASN A 315 4.87 -1.95 -22.16
C ASN A 315 4.88 -1.88 -22.18
N LEU A 316 4.09 -1.40 -21.24
CA LEU A 316 4.51 -1.24 -19.86
C LEU A 316 3.47 -1.84 -18.94
N ASN A 317 3.91 -2.30 -17.77
CA ASN A 317 3.01 -2.87 -16.79
C ASN A 317 2.52 -1.80 -15.85
N PHE A 318 1.20 -1.63 -15.79
CA PHE A 318 0.64 -0.59 -14.96
C PHE A 318 1.03 -0.79 -13.49
N LEU A 319 0.83 -2.00 -12.96
CA LEU A 319 1.00 -2.22 -11.52
C LEU A 319 2.46 -2.27 -11.06
N MET A 320 3.34 -2.80 -11.90
CA MET A 320 4.72 -3.12 -11.48
C MET A 320 5.76 -2.36 -12.29
N GLY A 321 5.33 -1.68 -13.34
CA GLY A 321 6.24 -1.08 -14.29
C GLY A 321 6.71 0.29 -13.85
N SER A 322 7.65 0.86 -14.60
CA SER A 322 8.21 2.18 -14.29
C SER A 322 7.83 3.12 -15.43
N TRP A 323 6.86 3.98 -15.18
CA TRP A 323 6.29 4.78 -16.26
C TRP A 323 5.98 6.20 -15.79
N TRP A 324 6.30 7.16 -16.66
CA TRP A 324 6.12 8.58 -16.40
C TRP A 324 5.19 9.13 -17.48
N PRO A 325 3.93 9.44 -17.12
CA PRO A 325 2.97 9.78 -18.17
C PRO A 325 3.37 10.99 -19.00
N ASN A 326 3.07 10.92 -20.28
CA ASN A 326 3.17 12.06 -21.17
C ASN A 326 1.88 12.88 -21.01
N LEU A 327 2.00 14.06 -20.44
CA LEU A 327 0.84 14.88 -20.15
C LEU A 327 0.04 15.21 -21.40
N GLU A 328 0.71 15.25 -22.54
CA GLU A 328 0.01 15.57 -23.79
C GLU A 328 -0.92 14.41 -24.19
N ASP A 329 -0.50 13.18 -23.92
CA ASP A 329 -1.36 12.01 -24.13
C ASP A 329 -2.58 12.07 -23.23
N LEU A 330 -2.38 12.43 -21.96
CA LEU A 330 -3.48 12.49 -21.00
C LEU A 330 -4.48 13.56 -21.41
N TYR A 331 -3.96 14.70 -21.84
CA TYR A 331 -4.83 15.81 -22.21
C TYR A 331 -5.71 15.42 -23.39
N GLU A 332 -5.13 14.72 -24.35
CA GLU A 332 -5.88 14.33 -25.54
C GLU A 332 -6.95 13.30 -25.18
N ALA A 333 -6.67 12.50 -24.16
CA ALA A 333 -7.63 11.49 -23.72
C ALA A 333 -8.60 12.06 -22.69
N ASN A 334 -8.55 13.37 -22.47
CA ASN A 334 -9.47 14.04 -21.54
C ASN A 334 -9.36 13.47 -20.12
N VAL A 335 -8.13 13.17 -19.70
CA VAL A 335 -7.84 12.79 -18.32
C VAL A 335 -7.43 14.03 -17.53
N PRO A 336 -8.12 14.33 -16.43
CA PRO A 336 -7.76 15.53 -15.66
C PRO A 336 -6.50 15.27 -14.83
N VAL A 337 -5.62 16.27 -14.75
CA VAL A 337 -4.38 16.15 -13.98
C VAL A 337 -4.29 17.31 -13.01
N TYR A 338 -4.21 16.98 -11.72
CA TYR A 338 -3.97 17.95 -10.66
C TYR A 338 -2.46 18.06 -10.56
N ARG A 339 -1.97 19.28 -10.41
CA ARG A 339 -0.55 19.51 -10.44
C ARG A 339 -0.24 20.61 -9.44
N PHE A 340 0.73 20.39 -8.57
CA PHE A 340 1.02 21.41 -7.55
C PHE A 340 2.41 21.23 -6.99
N ILE A 341 2.87 22.22 -6.24
CA ILE A 341 4.20 22.18 -5.66
C ILE A 341 4.04 22.03 -4.16
N GLN A 342 4.76 21.06 -3.58
CA GLN A 342 4.79 20.84 -2.14
C GLN A 342 6.04 21.47 -1.58
N ARG A 343 5.87 22.44 -0.69
CA ARG A 343 7.02 23.15 -0.12
C ARG A 343 7.42 22.45 1.19
N PRO A 344 8.57 22.83 1.75
CA PRO A 344 8.92 22.23 3.03
C PRO A 344 7.86 22.53 4.09
N GLY A 345 7.50 21.52 4.87
CA GLY A 345 6.52 21.69 5.93
C GLY A 345 5.09 21.45 5.48
N ASP A 346 4.90 21.33 4.16
CA ASP A 346 3.56 21.02 3.62
C ASP A 346 3.33 19.50 3.64
N LEU A 347 2.15 19.06 4.05
CA LEU A 347 1.82 17.64 4.02
C LEU A 347 0.90 17.34 2.83
N VAL A 348 1.21 16.29 2.09
CA VAL A 348 0.36 15.83 0.99
C VAL A 348 -0.40 14.58 1.41
N TRP A 349 -1.72 14.65 1.27
CA TRP A 349 -2.58 13.49 1.49
C TRP A 349 -3.04 12.96 0.15
N ILE A 350 -2.64 11.75 -0.19
CA ILE A 350 -3.09 11.08 -1.42
C ILE A 350 -4.28 10.22 -1.04
N ASN A 351 -5.46 10.53 -1.59
CA ASN A 351 -6.65 9.76 -1.25
C ASN A 351 -6.62 8.34 -1.83
N ALA A 352 -7.57 7.51 -1.43
CA ALA A 352 -7.50 6.09 -1.73
C ALA A 352 -7.56 5.84 -3.23
N GLY A 353 -6.56 5.15 -3.76
CA GLY A 353 -6.56 4.78 -5.17
C GLY A 353 -6.17 5.88 -6.13
N THR A 354 -5.84 7.06 -5.60
CA THR A 354 -5.40 8.17 -6.47
C THR A 354 -4.10 7.83 -7.18
N VAL A 355 -4.07 8.05 -8.50
CA VAL A 355 -2.87 7.74 -9.28
C VAL A 355 -1.94 8.95 -9.20
N HIS A 356 -0.65 8.76 -8.97
CA HIS A 356 0.22 9.92 -8.87
C HIS A 356 1.67 9.62 -9.20
N TRP A 357 2.40 10.69 -9.49
CA TRP A 357 3.82 10.60 -9.73
C TRP A 357 4.43 11.91 -9.25
N VAL A 358 5.73 11.90 -8.93
CA VAL A 358 6.34 13.01 -8.20
C VAL A 358 7.78 13.21 -8.65
N GLN A 359 8.23 14.46 -8.66
CA GLN A 359 9.65 14.72 -8.86
C GLN A 359 10.12 15.83 -7.95
N ALA A 360 11.37 15.71 -7.49
CA ALA A 360 12.00 16.80 -6.77
C ALA A 360 12.33 17.93 -7.74
N ILE A 361 11.98 19.15 -7.35
CA ILE A 361 12.45 20.36 -8.02
C ILE A 361 13.73 20.89 -7.41
N GLY A 362 13.89 20.76 -6.09
CA GLY A 362 15.10 21.19 -5.43
C GLY A 362 15.80 20.03 -4.75
N TRP A 363 16.71 20.34 -3.83
CA TRP A 363 17.30 19.31 -2.98
C TRP A 363 16.43 19.18 -1.75
N CYS A 364 15.95 17.98 -1.44
CA CYS A 364 15.09 17.85 -0.27
C CYS A 364 14.98 16.42 0.21
N ASN A 365 14.51 16.26 1.44
CA ASN A 365 14.12 14.95 1.93
C ASN A 365 12.61 14.94 2.10
N ASN A 366 12.00 13.76 2.03
CA ASN A 366 10.56 13.62 2.34
C ASN A 366 10.42 12.45 3.29
N ILE A 367 9.38 12.47 4.12
CA ILE A 367 9.01 11.27 4.86
C ILE A 367 7.58 10.92 4.54
N ALA A 368 7.23 9.64 4.58
CA ALA A 368 5.90 9.24 4.12
C ALA A 368 5.55 7.84 4.60
N TRP A 369 4.26 7.56 4.65
CA TRP A 369 3.76 6.26 5.08
C TRP A 369 2.33 6.17 4.57
N ASN A 370 1.66 5.04 4.80
CA ASN A 370 0.28 4.91 4.40
C ASN A 370 -0.63 5.00 5.60
N VAL A 371 -1.90 5.32 5.38
CA VAL A 371 -2.90 5.23 6.43
C VAL A 371 -4.17 4.69 5.76
N GLY A 372 -5.03 4.05 6.54
CA GLY A 372 -6.27 3.51 6.01
C GLY A 372 -7.44 3.98 6.85
N PRO A 373 -8.15 5.02 6.38
CA PRO A 373 -9.32 5.48 7.12
C PRO A 373 -10.34 4.38 7.27
N LEU A 374 -11.10 4.43 8.36
CA LEU A 374 -12.13 3.44 8.63
C LEU A 374 -13.39 3.84 7.87
N THR A 375 -13.36 3.63 6.56
CA THR A 375 -14.47 4.01 5.70
C THR A 375 -14.77 2.92 4.70
N ALA A 376 -16.02 2.88 4.27
CA ALA A 376 -16.42 1.95 3.23
C ALA A 376 -15.58 2.16 1.97
N CYS A 377 -15.34 3.42 1.60
N CYS A 377 -15.34 3.42 1.61
CA CYS A 377 -14.60 3.71 0.38
CA CYS A 377 -14.58 3.71 0.39
C CYS A 377 -13.17 3.12 0.44
C CYS A 377 -13.18 3.10 0.44
N GLN A 378 -12.48 3.30 1.56
CA GLN A 378 -11.10 2.78 1.68
C GLN A 378 -11.11 1.25 1.65
N TYR A 379 -12.03 0.65 2.39
CA TYR A 379 -12.07 -0.80 2.49
C TYR A 379 -12.43 -1.39 1.12
N LYS A 380 -13.40 -0.78 0.45
CA LYS A 380 -13.83 -1.28 -0.86
C LYS A 380 -12.66 -1.28 -1.84
N LEU A 381 -11.94 -0.15 -1.90
CA LEU A 381 -10.87 0.00 -2.87
C LEU A 381 -9.70 -0.95 -2.54
N ALA A 382 -9.47 -1.20 -1.26
CA ALA A 382 -8.37 -2.10 -0.86
C ALA A 382 -8.72 -3.53 -1.27
N VAL A 383 -9.96 -3.91 -1.08
CA VAL A 383 -10.39 -5.27 -1.45
C VAL A 383 -10.39 -5.42 -2.97
N GLU A 384 -10.89 -4.41 -3.68
CA GLU A 384 -10.88 -4.49 -5.14
C GLU A 384 -9.46 -4.73 -5.66
N ARG A 385 -8.50 -3.97 -5.14
CA ARG A 385 -7.14 -4.06 -5.65
C ARG A 385 -6.54 -5.41 -5.26
N TYR A 386 -6.88 -5.91 -4.07
CA TYR A 386 -6.45 -7.23 -3.62
C TYR A 386 -6.93 -8.29 -4.62
N GLU A 387 -8.16 -8.18 -5.07
CA GLU A 387 -8.70 -9.16 -6.00
C GLU A 387 -8.07 -9.01 -7.38
N TRP A 388 -7.87 -7.77 -7.82
CA TRP A 388 -7.25 -7.51 -9.12
C TRP A 388 -5.80 -8.01 -9.11
N ASN A 389 -5.10 -7.79 -8.00
CA ASN A 389 -3.73 -8.26 -7.83
C ASN A 389 -3.65 -9.78 -8.03
N LYS A 390 -4.57 -10.51 -7.41
CA LYS A 390 -4.62 -11.96 -7.60
C LYS A 390 -4.67 -12.31 -9.08
N LEU A 391 -5.53 -11.64 -9.82
CA LEU A 391 -5.71 -11.95 -11.23
C LEU A 391 -4.43 -11.64 -12.00
N GLN A 392 -3.69 -10.63 -11.53
CA GLN A 392 -2.48 -10.20 -12.22
C GLN A 392 -1.21 -10.88 -11.69
N SER A 393 -1.36 -11.81 -10.74
CA SER A 393 -0.20 -12.43 -10.08
C SER A 393 0.73 -11.41 -9.43
N VAL A 394 0.16 -10.37 -8.84
CA VAL A 394 0.94 -9.34 -8.15
C VAL A 394 0.68 -9.46 -6.65
N LYS A 395 1.73 -9.40 -5.85
CA LYS A 395 1.57 -9.59 -4.42
C LYS A 395 0.88 -8.40 -3.77
N SER A 396 -0.17 -8.66 -2.98
CA SER A 396 -0.76 -7.63 -2.11
C SER A 396 0.02 -7.59 -0.80
N ILE A 397 0.74 -6.52 -0.52
CA ILE A 397 1.56 -6.50 0.71
C ILE A 397 0.70 -6.17 1.94
N VAL A 398 -0.53 -5.73 1.71
CA VAL A 398 -1.50 -5.72 2.79
C VAL A 398 -2.34 -7.00 2.66
N PRO A 399 -2.21 -7.89 3.65
CA PRO A 399 -2.91 -9.18 3.62
C PRO A 399 -4.37 -8.95 4.02
N MET A 400 -5.22 -8.68 3.04
CA MET A 400 -6.56 -8.18 3.33
C MET A 400 -7.44 -9.19 4.08
N VAL A 401 -7.19 -10.48 3.94
CA VAL A 401 -7.99 -11.44 4.70
C VAL A 401 -7.58 -11.39 6.18
N HIS A 402 -6.29 -11.60 6.44
CA HIS A 402 -5.72 -11.47 7.78
C HIS A 402 -6.21 -10.18 8.45
N LEU A 403 -6.10 -9.08 7.72
CA LEU A 403 -6.49 -7.76 8.25
C LEU A 403 -7.98 -7.69 8.57
N SER A 404 -8.82 -8.25 7.71
CA SER A 404 -10.26 -8.15 7.90
C SER A 404 -10.67 -8.86 9.18
N TRP A 405 -10.05 -10.02 9.43
CA TRP A 405 -10.34 -10.77 10.64
C TRP A 405 -9.89 -10.00 11.89
N ASN A 406 -8.74 -9.33 11.83
CA ASN A 406 -8.31 -8.47 12.95
C ASN A 406 -9.24 -7.28 13.16
N MET A 407 -9.67 -6.66 12.08
CA MET A 407 -10.67 -5.60 12.16
C MET A 407 -11.90 -6.13 12.88
N ALA A 408 -12.32 -7.34 12.56
CA ALA A 408 -13.51 -7.93 13.17
C ALA A 408 -13.28 -8.18 14.66
N ARG A 409 -12.04 -8.50 15.04
N ARG A 409 -12.04 -8.48 15.03
CA ARG A 409 -11.73 -8.71 16.45
CA ARG A 409 -11.69 -8.73 16.42
C ARG A 409 -11.74 -7.40 17.21
C ARG A 409 -11.65 -7.43 17.23
N ASN A 410 -11.18 -6.35 16.59
CA ASN A 410 -10.83 -5.12 17.30
C ASN A 410 -11.77 -3.92 17.20
N ILE A 411 -12.59 -3.86 16.16
CA ILE A 411 -13.25 -2.60 15.81
C ILE A 411 -14.74 -2.74 15.82
N LYS A 412 -15.41 -1.84 16.52
CA LYS A 412 -16.86 -1.82 16.49
C LYS A 412 -17.29 -0.89 15.36
N VAL A 413 -17.90 -1.48 14.34
CA VAL A 413 -18.20 -0.78 13.10
C VAL A 413 -19.66 -0.36 13.09
N SER A 414 -19.91 0.94 13.00
CA SER A 414 -21.27 1.46 13.08
C SER A 414 -21.83 1.85 11.71
N ASP A 415 -20.97 1.98 10.71
CA ASP A 415 -21.48 2.30 9.38
C ASP A 415 -22.00 1.05 8.68
N PRO A 416 -23.29 1.03 8.33
CA PRO A 416 -23.80 -0.22 7.75
C PRO A 416 -23.06 -0.67 6.48
N LYS A 417 -22.69 0.26 5.59
CA LYS A 417 -22.07 -0.17 4.33
C LYS A 417 -20.74 -0.83 4.63
N LEU A 418 -19.94 -0.21 5.49
CA LEU A 418 -18.62 -0.76 5.78
C LEU A 418 -18.79 -2.08 6.54
N PHE A 419 -19.71 -2.11 7.49
CA PHE A 419 -19.96 -3.34 8.24
C PHE A 419 -20.29 -4.49 7.29
N GLU A 420 -21.18 -4.25 6.32
CA GLU A 420 -21.59 -5.31 5.39
C GLU A 420 -20.42 -5.80 4.53
N MET A 421 -19.55 -4.89 4.10
CA MET A 421 -18.41 -5.29 3.29
C MET A 421 -17.51 -6.20 4.09
N ILE A 422 -17.19 -5.82 5.32
CA ILE A 422 -16.27 -6.62 6.13
C ILE A 422 -16.89 -7.99 6.41
N LYS A 423 -18.16 -8.03 6.81
CA LYS A 423 -18.74 -9.30 7.24
C LYS A 423 -18.87 -10.21 6.03
N TYR A 424 -19.07 -9.61 4.85
CA TYR A 424 -19.16 -10.39 3.61
C TYR A 424 -17.81 -11.06 3.37
N CYS A 425 -16.71 -10.33 3.60
CA CYS A 425 -15.37 -10.93 3.47
C CYS A 425 -15.19 -12.07 4.49
N LEU A 426 -15.63 -11.86 5.71
CA LEU A 426 -15.51 -12.90 6.74
C LEU A 426 -16.33 -14.12 6.32
N LEU A 427 -17.53 -13.90 5.78
CA LEU A 427 -18.38 -15.02 5.38
C LEU A 427 -17.69 -15.83 4.29
N ARG A 428 -17.24 -15.17 3.23
CA ARG A 428 -16.61 -15.85 2.10
C ARG A 428 -15.40 -16.65 2.55
N THR A 429 -14.57 -16.05 3.39
CA THR A 429 -13.33 -16.73 3.81
C THR A 429 -13.59 -17.82 4.85
N LEU A 430 -14.55 -17.60 5.75
CA LEU A 430 -14.91 -18.62 6.73
C LEU A 430 -15.43 -19.83 5.97
N LYS A 431 -16.26 -19.59 4.97
CA LYS A 431 -16.81 -20.69 4.18
C LYS A 431 -15.69 -21.41 3.41
N GLN A 432 -14.78 -20.65 2.81
CA GLN A 432 -13.67 -21.25 2.10
C GLN A 432 -12.81 -22.11 3.03
N CYS A 433 -12.54 -21.62 4.24
CA CYS A 433 -11.72 -22.37 5.19
C CYS A 433 -12.40 -23.66 5.66
N GLN A 434 -13.68 -23.58 5.96
CA GLN A 434 -14.39 -24.76 6.45
C GLN A 434 -14.55 -25.79 5.34
N THR A 435 -14.75 -25.30 4.12
CA THR A 435 -14.91 -26.17 2.96
C THR A 435 -13.63 -26.94 2.67
N LEU A 436 -12.52 -26.23 2.73
CA LEU A 436 -11.22 -26.84 2.48
C LEU A 436 -10.91 -27.83 3.60
N ARG A 437 -11.14 -27.43 4.83
CA ARG A 437 -10.88 -28.26 5.99
C ARG A 437 -11.68 -29.57 5.88
N GLU A 438 -12.92 -29.49 5.40
CA GLU A 438 -13.76 -30.66 5.28
C GLU A 438 -13.24 -31.58 4.18
N ALA A 439 -12.83 -30.97 3.06
CA ALA A 439 -12.27 -31.74 1.95
C ALA A 439 -11.03 -32.50 2.40
N LEU A 440 -10.16 -31.84 3.15
CA LEU A 440 -8.88 -32.47 3.53
C LEU A 440 -9.14 -33.67 4.43
N ILE A 441 -10.03 -33.51 5.40
CA ILE A 441 -10.36 -34.60 6.31
C ILE A 441 -11.02 -35.74 5.55
N ALA A 442 -11.83 -35.40 4.55
CA ALA A 442 -12.50 -36.39 3.71
C ALA A 442 -11.46 -37.18 2.94
N ALA A 443 -10.31 -36.56 2.71
CA ALA A 443 -9.23 -37.19 1.99
C ALA A 443 -8.26 -37.89 2.96
N GLY A 444 -8.55 -37.79 4.25
CA GLY A 444 -7.69 -38.39 5.27
C GLY A 444 -6.38 -37.65 5.45
N LYS A 445 -6.24 -36.49 4.81
CA LYS A 445 -5.05 -35.66 4.97
C LYS A 445 -5.05 -35.05 6.36
N GLU A 446 -3.96 -35.19 7.09
CA GLU A 446 -3.91 -34.71 8.47
C GLU A 446 -3.74 -33.20 8.50
N ILE A 447 -4.33 -32.56 9.50
CA ILE A 447 -4.15 -31.13 9.70
C ILE A 447 -3.43 -30.92 11.02
N ILE A 448 -2.23 -30.37 10.94
CA ILE A 448 -1.36 -30.19 12.10
C ILE A 448 -1.55 -28.82 12.71
N TRP A 449 -1.84 -28.78 14.01
CA TRP A 449 -1.99 -27.51 14.69
C TRP A 449 -0.67 -26.76 14.74
N HIS A 450 -0.68 -25.56 14.18
CA HIS A 450 0.54 -24.77 14.10
C HIS A 450 0.40 -23.54 14.96
N GLY A 451 -0.78 -22.93 14.93
CA GLY A 451 -1.07 -21.77 15.76
C GLY A 451 -0.41 -20.52 15.21
N ARG A 452 -0.47 -19.45 16.00
N ARG A 452 -0.52 -19.42 15.97
CA ARG A 452 0.21 -18.22 15.63
CA ARG A 452 0.09 -18.15 15.63
C ARG A 452 0.93 -17.65 16.82
C ARG A 452 0.92 -17.65 16.81
N THR A 453 2.03 -16.97 16.54
CA THR A 453 2.79 -16.30 17.58
C THR A 453 2.40 -14.84 17.53
N LYS A 454 2.63 -14.14 18.63
CA LYS A 454 2.31 -12.73 18.73
C LYS A 454 3.03 -12.00 17.60
N GLU A 455 2.28 -11.25 16.79
CA GLU A 455 2.91 -10.39 15.79
C GLU A 455 3.37 -11.19 14.55
N GLU A 456 3.06 -12.48 14.50
CA GLU A 456 3.47 -13.26 13.32
C GLU A 456 2.88 -12.61 12.06
N PRO A 457 3.68 -12.48 11.00
CA PRO A 457 3.19 -11.96 9.71
C PRO A 457 2.23 -12.89 8.98
N ALA A 458 1.41 -12.34 8.10
CA ALA A 458 0.59 -13.14 7.20
C ALA A 458 1.54 -13.87 6.26
N HIS A 459 1.17 -15.09 5.87
CA HIS A 459 2.00 -15.88 4.97
C HIS A 459 1.46 -15.86 3.56
N TYR A 460 2.35 -16.07 2.60
CA TYR A 460 1.99 -15.99 1.19
C TYR A 460 2.54 -17.21 0.45
N CYS A 461 1.92 -17.55 -0.68
CA CYS A 461 2.37 -18.66 -1.50
C CYS A 461 3.71 -18.31 -2.16
N SER A 462 4.71 -19.16 -1.96
CA SER A 462 6.05 -18.88 -2.49
C SER A 462 6.04 -18.88 -4.01
N ILE A 463 5.00 -19.45 -4.61
CA ILE A 463 4.92 -19.55 -6.07
C ILE A 463 4.12 -18.41 -6.68
N CYS A 464 2.84 -18.30 -6.33
CA CYS A 464 1.99 -17.29 -6.96
C CYS A 464 1.85 -16.00 -6.13
N GLU A 465 2.33 -16.04 -4.89
CA GLU A 465 2.35 -14.88 -4.00
C GLU A 465 0.98 -14.44 -3.49
N VAL A 466 -0.02 -15.31 -3.59
CA VAL A 466 -1.33 -15.01 -3.01
C VAL A 466 -1.23 -15.17 -1.49
N GLU A 467 -2.01 -14.38 -0.75
CA GLU A 467 -2.07 -14.57 0.69
C GLU A 467 -2.64 -15.96 0.97
N VAL A 468 -2.09 -16.67 1.95
CA VAL A 468 -2.58 -18.00 2.32
C VAL A 468 -3.02 -17.92 3.78
N PHE A 469 -4.33 -17.91 3.96
CA PHE A 469 -4.93 -17.67 5.28
C PHE A 469 -5.33 -18.98 5.96
N ASP A 470 -4.87 -19.14 7.20
CA ASP A 470 -5.30 -20.21 8.10
C ASP A 470 -4.70 -21.57 7.79
N LEU A 471 -5.02 -22.13 6.63
CA LEU A 471 -4.49 -23.45 6.27
C LEU A 471 -3.32 -23.30 5.30
N LEU A 472 -2.14 -23.64 5.79
CA LEU A 472 -0.91 -23.46 5.03
C LEU A 472 -0.43 -24.80 4.47
N PHE A 473 -0.18 -24.87 3.16
CA PHE A 473 0.37 -26.08 2.56
C PHE A 473 1.87 -25.93 2.46
N VAL A 474 2.61 -26.71 3.25
CA VAL A 474 4.04 -26.48 3.37
C VAL A 474 4.82 -27.73 2.99
N THR A 475 5.94 -27.50 2.31
CA THR A 475 6.85 -28.58 1.95
C THR A 475 8.27 -28.09 2.21
N ASN A 476 9.19 -29.00 2.45
CA ASN A 476 10.53 -28.58 2.82
C ASN A 476 11.22 -27.74 1.74
N GLU A 477 11.96 -26.72 2.17
CA GLU A 477 12.81 -25.97 1.26
C GLU A 477 13.87 -26.93 0.73
N SER A 478 14.37 -26.66 -0.47
CA SER A 478 15.36 -27.53 -1.09
C SER A 478 16.58 -27.70 -0.18
N ASN A 479 17.03 -28.93 -0.01
CA ASN A 479 18.22 -29.23 0.79
C ASN A 479 18.08 -28.85 2.26
N SER A 480 16.84 -28.79 2.73
CA SER A 480 16.57 -28.48 4.12
C SER A 480 15.50 -29.43 4.67
N ARG A 481 15.68 -29.84 5.91
CA ARG A 481 14.65 -30.57 6.63
C ARG A 481 14.09 -29.68 7.75
N LYS A 482 14.62 -28.46 7.84
CA LYS A 482 14.25 -27.50 8.88
C LYS A 482 13.22 -26.47 8.43
N THR A 483 13.49 -25.86 7.28
CA THR A 483 12.73 -24.72 6.79
C THR A 483 11.66 -25.19 5.81
N TYR A 484 10.45 -24.64 5.95
CA TYR A 484 9.34 -25.00 5.06
C TYR A 484 8.91 -23.82 4.22
N ILE A 485 8.42 -24.12 3.03
CA ILE A 485 7.98 -23.13 2.08
C ILE A 485 6.45 -23.19 1.98
N VAL A 486 5.80 -22.06 2.21
CA VAL A 486 4.34 -21.99 2.17
C VAL A 486 3.84 -21.98 0.73
N HIS A 487 2.78 -22.75 0.48
CA HIS A 487 2.12 -22.77 -0.81
C HIS A 487 0.64 -22.57 -0.57
N CYS A 488 -0.06 -22.00 -1.55
CA CYS A 488 -1.53 -22.03 -1.52
C CYS A 488 -1.98 -23.44 -1.94
N GLN A 489 -3.27 -23.69 -1.84
CA GLN A 489 -3.79 -25.02 -2.17
C GLN A 489 -3.54 -25.41 -3.61
N ASP A 490 -3.84 -24.50 -4.54
CA ASP A 490 -3.71 -24.78 -5.96
C ASP A 490 -2.27 -25.09 -6.36
N CYS A 491 -1.34 -24.27 -5.89
CA CYS A 491 0.07 -24.46 -6.21
C CYS A 491 0.62 -25.76 -5.61
N ALA A 492 0.16 -26.11 -4.41
CA ALA A 492 0.60 -27.35 -3.79
C ALA A 492 0.18 -28.56 -4.63
N ARG A 493 -1.05 -28.51 -5.14
CA ARG A 493 -1.58 -29.64 -5.92
C ARG A 493 -0.97 -29.79 -7.30
N LYS A 494 -0.39 -28.72 -7.82
CA LYS A 494 0.23 -28.79 -9.14
C LYS A 494 1.66 -29.32 -9.05
N THR A 495 2.22 -29.27 -7.84
CA THR A 495 3.51 -29.89 -7.57
C THR A 495 3.31 -31.36 -7.22
N SER A 496 2.26 -31.66 -6.46
CA SER A 496 1.96 -33.03 -6.05
C SER A 496 0.44 -33.24 -6.04
N GLY A 497 -0.07 -34.00 -7.01
CA GLY A 497 -1.50 -34.17 -7.19
C GLY A 497 -2.28 -34.47 -5.92
N ASN A 498 -1.65 -35.25 -5.04
CA ASN A 498 -2.32 -35.78 -3.86
C ASN A 498 -1.71 -35.24 -2.57
N LEU A 499 -0.80 -34.26 -2.73
CA LEU A 499 -0.20 -33.56 -1.60
C LEU A 499 0.81 -34.43 -0.85
N GLU A 500 1.43 -35.38 -1.54
CA GLU A 500 2.33 -36.33 -0.90
C GLU A 500 3.41 -35.74 -0.02
N ASN A 501 4.17 -34.81 -0.56
CA ASN A 501 5.27 -34.23 0.20
C ASN A 501 4.89 -32.94 0.92
N PHE A 502 3.60 -32.77 1.15
CA PHE A 502 3.09 -31.60 1.84
C PHE A 502 2.51 -31.93 3.20
N VAL A 503 2.63 -30.97 4.11
CA VAL A 503 1.99 -31.02 5.41
C VAL A 503 1.00 -29.86 5.43
N VAL A 504 -0.15 -30.02 6.09
CA VAL A 504 -1.07 -28.89 6.21
C VAL A 504 -1.04 -28.33 7.61
N LEU A 505 -0.68 -27.06 7.75
CA LEU A 505 -0.64 -26.41 9.05
C LEU A 505 -1.89 -25.57 9.23
N GLU A 506 -2.43 -25.55 10.44
CA GLU A 506 -3.62 -24.75 10.74
C GLU A 506 -3.24 -23.68 11.75
N GLN A 507 -3.54 -22.41 11.43
CA GLN A 507 -3.07 -21.31 12.24
C GLN A 507 -4.10 -20.81 13.25
N TYR A 508 -5.37 -21.00 12.94
CA TYR A 508 -6.45 -20.56 13.82
C TYR A 508 -7.39 -21.72 14.17
N LYS A 509 -7.86 -21.75 15.41
CA LYS A 509 -8.90 -22.71 15.76
C LYS A 509 -10.19 -22.29 15.06
N MET A 510 -10.86 -23.24 14.41
CA MET A 510 -12.07 -22.92 13.68
C MET A 510 -13.08 -22.33 14.65
N GLU A 511 -13.06 -22.80 15.89
CA GLU A 511 -13.99 -22.32 16.90
C GLU A 511 -13.74 -20.84 17.16
N ASP A 512 -12.47 -20.43 17.10
CA ASP A 512 -12.08 -19.04 17.26
C ASP A 512 -12.65 -18.16 16.13
N LEU A 513 -12.42 -18.56 14.89
CA LEU A 513 -12.94 -17.82 13.74
C LEU A 513 -14.45 -17.72 13.81
N MET A 514 -15.11 -18.80 14.20
CA MET A 514 -16.56 -18.83 14.27
C MET A 514 -17.04 -17.80 15.30
N GLN A 515 -16.33 -17.70 16.41
CA GLN A 515 -16.68 -16.75 17.47
C GLN A 515 -16.49 -15.32 17.01
N VAL A 516 -15.37 -15.03 16.36
CA VAL A 516 -15.10 -13.68 15.88
C VAL A 516 -16.19 -13.29 14.88
N TYR A 517 -16.53 -14.23 14.00
CA TYR A 517 -17.54 -13.98 12.98
C TYR A 517 -18.89 -13.65 13.63
N ASP A 518 -19.30 -14.48 14.59
CA ASP A 518 -20.60 -14.28 15.23
C ASP A 518 -20.64 -13.01 16.10
N GLN A 519 -19.51 -12.64 16.69
N GLN A 519 -19.49 -12.66 16.68
CA GLN A 519 -19.49 -11.47 17.55
CA GLN A 519 -19.41 -11.49 17.54
C GLN A 519 -19.21 -10.20 16.75
C GLN A 519 -19.29 -10.20 16.74
N PHE A 520 -19.08 -10.32 15.44
CA PHE A 520 -18.95 -9.14 14.58
C PHE A 520 -20.34 -8.70 14.12
N THR A 521 -20.86 -7.68 14.79
CA THR A 521 -22.21 -7.23 14.51
C THR A 521 -22.24 -5.72 14.39
N LEU A 522 -23.26 -5.19 13.75
CA LEU A 522 -23.34 -3.75 13.50
C LEU A 522 -23.44 -2.98 14.82
N ALA A 523 -22.52 -2.04 15.01
CA ALA A 523 -22.46 -1.26 16.24
C ALA A 523 -23.45 -0.11 16.16
N PRO A 524 -23.95 0.33 17.33
CA PRO A 524 -24.79 1.53 17.27
C PRO A 524 -23.91 2.75 17.05
N PRO A 525 -24.43 3.76 16.34
CA PRO A 525 -23.71 5.00 16.02
C PRO A 525 -23.38 5.84 17.25
N ARG B 1 8.15 -26.63 16.63
CA ARG B 1 7.19 -25.97 15.76
C ARG B 1 7.86 -25.60 14.43
N LYS B 2 7.24 -25.99 13.32
CA LYS B 2 7.87 -25.83 12.02
C LYS B 2 8.23 -24.37 11.73
N GLN B 3 9.38 -24.16 11.12
CA GLN B 3 9.86 -22.82 10.79
C GLN B 3 9.52 -22.51 9.34
N LEU B 4 8.80 -21.41 9.13
CA LEU B 4 8.34 -21.06 7.79
C LEU B 4 9.23 -19.98 7.21
N ALA B 5 9.65 -20.18 5.96
CA ALA B 5 10.40 -19.18 5.23
C ALA B 5 9.48 -18.00 5.01
N THR B 6 10.02 -16.79 5.07
CA THR B 6 9.20 -15.59 4.86
C THR B 6 10.05 -14.46 4.29
N LYS B 7 9.37 -13.46 3.73
CA LYS B 7 10.04 -12.27 3.24
C LYS B 7 9.30 -11.07 3.82
N ALA B 8 10.06 -10.04 4.20
CA ALA B 8 9.47 -8.88 4.84
C ALA B 8 8.61 -8.10 3.85
N ALA B 9 7.32 -7.96 4.16
CA ALA B 9 6.42 -7.16 3.33
C ALA B 9 6.96 -5.73 3.32
N ARG B 10 7.06 -5.12 2.14
CA ARG B 10 7.66 -3.80 2.06
C ARG B 10 7.22 -3.02 0.82
N M3L B 11 6.88 -1.76 1.05
CA M3L B 11 6.64 -0.76 0.01
CB M3L B 11 6.04 0.46 0.74
CG M3L B 11 5.90 1.70 -0.18
CD M3L B 11 5.29 2.84 0.68
CE M3L B 11 5.30 4.17 -0.08
NZ M3L B 11 4.99 5.32 0.80
C M3L B 11 7.95 -0.41 -0.69
O M3L B 11 8.94 -0.05 0.01
CM1 M3L B 11 3.71 5.14 1.46
CM2 M3L B 11 4.94 6.55 -0.01
CM3 M3L B 11 6.02 5.44 1.82
H M3L B 11 6.75 -1.39 1.88
HA M3L B 11 6.03 -1.11 -0.65
HB2 M3L B 11 6.59 0.69 1.51
HB3 M3L B 11 5.14 0.23 1.05
HG2 M3L B 11 5.31 1.50 -0.93
HG3 M3L B 11 6.76 1.97 -0.51
HD2 M3L B 11 5.82 2.94 1.48
HD3 M3L B 11 4.38 2.62 0.95
HE2 M3L B 11 4.64 4.13 -0.80
HE3 M3L B 11 6.19 4.31 -0.47
HM11 M3L B 11 3.73 4.35 2.01
HM12 M3L B 11 3.01 5.04 0.77
HM13 M3L B 11 3.51 5.93 2.00
HM21 M3L B 11 4.08 6.59 -0.46
HM22 M3L B 11 5.05 7.33 0.57
HM23 M3L B 11 5.65 6.52 -0.68
HM31 M3L B 11 5.83 4.79 2.55
HM32 M3L B 11 6.00 6.34 2.18
HM33 M3L B 11 6.89 5.26 1.42
N SER B 12 7.99 -0.45 -2.02
CA SER B 12 9.21 -0.11 -2.74
C SER B 12 8.88 0.43 -4.12
N ALA B 13 9.83 1.14 -4.73
CA ALA B 13 9.64 1.74 -6.05
C ALA B 13 9.96 0.77 -7.18
N PRO B 14 9.37 1.01 -8.35
CA PRO B 14 9.67 0.20 -9.55
C PRO B 14 11.15 0.30 -9.88
N ALA B 15 11.67 -0.69 -10.59
CA ALA B 15 13.06 -0.65 -11.06
C ALA B 15 13.11 -1.27 -12.44
N THR B 16 13.98 -0.73 -13.30
CA THR B 16 14.07 -1.19 -14.68
C THR B 16 15.38 -1.91 -14.93
N GLY B 17 16.23 -1.94 -13.91
CA GLY B 17 17.49 -2.65 -13.97
C GLY B 17 18.26 -2.45 -12.69
C1 OGA C . 3.97 9.10 -1.73
C2 OGA C . 4.96 9.04 -2.86
C4 OGA C . 7.18 9.58 -3.73
C5 OGA C . 8.18 10.67 -3.56
O1 OGA C . 4.28 9.72 -0.68
O2 OGA C . 2.87 8.51 -1.83
O2' OGA C . 4.70 8.47 -3.92
O3 OGA C . 8.18 11.38 -2.50
N1 OGA C . 6.23 9.64 -2.66
O4 OGA C . 9.02 10.86 -4.47
H4C1 OGA C . 6.72 9.69 -4.59
H4C2 OGA C . 7.63 8.70 -3.73
H1 OGA C . 6.43 10.06 -1.88
ZN ZN D . 0.02 -20.32 -5.11
NI NI E . 2.86 7.29 -3.66
C1 EDO F . -4.95 -0.27 17.43
O1 EDO F . -4.26 -1.50 17.66
C2 EDO F . -4.46 0.82 18.39
O2 EDO F . -3.35 1.52 17.83
H11 EDO F . -6.03 -0.40 17.55
H12 EDO F . -4.78 0.06 16.39
HO1 EDO F . -4.59 -2.17 17.05
H21 EDO F . -5.28 1.52 18.60
H22 EDO F . -4.17 0.35 19.33
HO2 EDO F . -3.05 2.21 18.45
C1 EDO G . -15.38 -4.83 -2.14
O1 EDO G . -16.48 -4.49 -3.01
C2 EDO G . -15.82 -4.68 -0.69
O2 EDO G . -16.79 -5.71 -0.40
H11 EDO G . -15.08 -5.85 -2.33
H12 EDO G . -14.54 -4.16 -2.34
HO1 EDO G . -16.20 -4.58 -3.93
H21 EDO G . -16.28 -3.69 -0.53
H22 EDO G . -14.96 -4.78 -0.03
HO2 EDO G . -17.08 -5.62 0.51
C1 EDO H . 17.56 -4.20 4.06
O1 EDO H . 18.79 -4.05 4.79
C2 EDO H . 17.86 -4.49 2.59
O2 EDO H . 16.66 -4.93 1.91
H11 EDO H . 16.97 -3.28 4.15
H12 EDO H . 16.98 -5.02 4.49
HO1 EDO H . 18.59 -3.86 5.72
H21 EDO H . 18.62 -5.26 2.52
H22 EDO H . 18.24 -3.59 2.12
HO2 EDO H . 16.87 -5.11 0.99
C1 EDO I . -30.79 -15.13 5.73
O1 EDO I . -31.38 -16.36 6.16
C2 EDO I . -29.52 -14.87 6.55
O2 EDO I . -28.68 -16.01 6.45
H11 EDO I . -30.54 -15.19 4.67
H12 EDO I . -31.49 -14.31 5.87
HO1 EDO I . -32.19 -16.53 5.66
H21 EDO I . -28.99 -13.99 6.15
H22 EDO I . -29.78 -14.67 7.59
HO2 EDO I . -27.87 -15.86 6.96
C1 EDO J . 20.49 19.40 1.08
O1 EDO J . 19.55 18.46 0.58
C2 EDO J . 21.91 18.88 0.85
O2 EDO J . 22.18 17.70 1.62
H11 EDO J . 20.36 20.36 0.59
H12 EDO J . 20.33 19.54 2.16
HO1 EDO J . 18.65 18.78 0.73
H21 EDO J . 22.63 19.66 1.11
H22 EDO J . 22.04 18.66 -0.21
HO2 EDO J . 23.08 17.39 1.45
C1 EDO K . 26.12 6.93 -4.71
O1 EDO K . 25.65 6.05 -5.75
C2 EDO K . 25.11 6.88 -3.58
O2 EDO K . 25.78 7.03 -2.33
H11 EDO K . 27.10 6.60 -4.36
H12 EDO K . 26.20 7.95 -5.10
HO1 EDO K . 26.27 6.06 -6.49
H21 EDO K . 24.37 7.67 -3.71
H22 EDO K . 24.58 5.91 -3.60
HO2 EDO K . 25.13 6.99 -1.61
C1 EDO L . -5.35 13.64 17.84
O1 EDO L . -6.33 14.06 16.89
C2 EDO L . -6.02 13.36 19.19
O2 EDO L . -5.77 12.00 19.58
H11 EDO L . -4.60 14.43 17.97
H12 EDO L . -4.84 12.74 17.49
HO1 EDO L . -5.89 14.24 16.04
H21 EDO L . -7.10 13.52 19.09
H22 EDO L . -5.64 14.04 19.94
HO2 EDO L . -6.22 11.83 20.43
C1 EDO M . -10.76 7.32 2.30
O1 EDO M . -12.13 7.26 2.76
C2 EDO M . -10.72 7.07 0.80
O2 EDO M . -11.76 7.80 0.15
H11 EDO M . -10.17 6.57 2.82
H12 EDO M . -10.35 8.30 2.53
HO1 EDO M . -12.16 7.42 3.71
H21 EDO M . -10.83 6.01 0.60
H22 EDO M . -9.75 7.38 0.41
HO2 EDO M . -11.73 7.64 -0.81
C1 EDO N . 15.30 20.32 7.40
O1 EDO N . 16.00 21.07 8.39
C2 EDO N . 15.75 20.77 6.02
O2 EDO N . 17.13 20.39 5.81
H11 EDO N . 15.50 19.26 7.53
H12 EDO N . 14.23 20.48 7.51
HO1 EDO N . 15.70 20.79 9.27
H21 EDO N . 15.66 21.85 5.93
H22 EDO N . 15.13 20.30 5.25
HO2 EDO N . 17.41 20.68 4.93
CL CL O . -1.42 -11.30 17.33
CL CL P . -5.16 6.33 18.65
#